data_5UV2
#
_entry.id   5UV2
#
_cell.length_a   85.699
_cell.length_b   85.699
_cell.length_c   214.880
_cell.angle_alpha   90.000
_cell.angle_beta   90.000
_cell.angle_gamma   90.000
#
_symmetry.space_group_name_H-M   'P 41 21 2'
#
loop_
_entity.id
_entity.type
_entity.pdbx_description
1 polymer '(+)-limonene synthase'
2 non-polymer 'MANGANESE (II) ION'
3 non-polymer '(2E)-2-fluoro-3,7-dimethylocta-2,6-dien-1-yl trihydrogen diphosphate'
4 water water
#
_entity_poly.entity_id   1
_entity_poly.type   'polypeptide(L)'
_entity_poly.pdbx_seq_one_letter_code
;MSSCINPSTLATSVNGFKCLPLATNRAAIRIMAKNKPVQCLVSTKYDNLTVDRRSANYQPSIWDHDFLQSLNSNYTDETY
KRRAEELKGKVKTAIKDVTEPLDQLELIDNLQRLGLAYHFEPEIRNILRNIHNHNKDYNWRKENLYATSLEFRLLRQHGY
PVSQEVFSGFKDDKVGFICDDFKGILSLHEASYYSLEGESIMEEAWQFTSKHLKEMMITSNSKEEDVFVAEQAKRALELP
LHWKAPMLEARWFIHVYEKREDKNHLLLELAKLEFNTLQAIYQEELKDISGWWKDTGLGEKLSFARNRLVASFLWSMGIA
FEPQFAYCRRVLTISIALITVIDDIYDVYGTLDELEIFTDAVARWDINYALKHLPGYMKMCFLALYNFVNEFAYYVLKQQ
DFDMLLSIKHAWLGLIQAYLVEAKWYHSKYTPKLEEYLENGLVSITGPLIITISYLSGTNPIIKKELEFLESNPDIVHWS
SKIFRLQDDLGTSSDEIQRGDVPKSIQCYMHETGASEEVAREHIKDMMRQMWKKVNAYTADKDSPLTRTTAEFLLNLVRM
SHFMYLHGDGHGVQNQETIDVGFTLLFQPIPLEDKDMAFTASPGTKG
;
_entity_poly.pdbx_strand_id   A
#
# COMPACT_ATOMS: atom_id res chain seq x y z
N SER A 61 12.68 16.34 9.11
CA SER A 61 12.95 15.93 10.48
C SER A 61 12.43 16.95 11.48
N ILE A 62 11.43 17.71 11.03
CA ILE A 62 10.87 18.78 11.85
C ILE A 62 9.87 18.23 12.86
N TRP A 63 9.16 17.14 12.51
CA TRP A 63 8.12 16.55 13.36
C TRP A 63 8.76 15.64 14.40
N ASP A 64 9.40 16.26 15.37
CA ASP A 64 10.15 15.58 16.38
C ASP A 64 9.25 15.17 17.55
N HIS A 65 9.88 14.58 18.57
CA HIS A 65 9.14 14.06 19.71
C HIS A 65 8.40 15.17 20.46
N ASP A 66 9.08 16.28 20.72
CA ASP A 66 8.43 17.39 21.41
C ASP A 66 7.21 17.88 20.64
N PHE A 67 7.33 18.01 19.31
CA PHE A 67 6.18 18.43 18.50
C PHE A 67 5.03 17.45 18.66
N LEU A 68 5.31 16.14 18.54
CA LEU A 68 4.24 15.16 18.60
C LEU A 68 3.56 15.17 19.97
N GLN A 69 4.34 15.28 21.05
CA GLN A 69 3.73 15.32 22.39
C GLN A 69 2.88 16.57 22.58
N SER A 70 3.20 17.66 21.87
CA SER A 70 2.49 18.92 22.11
C SER A 70 1.11 18.94 21.46
N LEU A 71 0.80 18.02 20.55
CA LEU A 71 -0.45 18.12 19.84
C LEU A 71 -1.63 17.81 20.76
N ASN A 72 -2.74 18.45 20.49
CA ASN A 72 -3.91 18.26 21.33
C ASN A 72 -5.12 18.55 20.43
N SER A 73 -5.46 17.57 19.60
CA SER A 73 -6.57 17.73 18.69
C SER A 73 -7.88 17.84 19.45
N ASN A 74 -8.74 18.73 18.97
CA ASN A 74 -10.08 18.86 19.53
C ASN A 74 -10.97 17.66 19.21
N TYR A 75 -10.63 16.87 18.18
CA TYR A 75 -11.52 15.82 17.67
C TYR A 75 -11.36 14.48 18.37
N THR A 76 -10.52 14.38 19.39
CA THR A 76 -10.56 13.20 20.25
C THR A 76 -11.83 13.13 21.10
N ASP A 77 -12.59 14.23 21.17
CA ASP A 77 -13.61 14.42 22.18
C ASP A 77 -14.88 13.64 21.88
N GLU A 78 -15.65 13.34 22.94
CA GLU A 78 -16.80 12.46 22.86
C GLU A 78 -17.98 13.09 22.14
N THR A 79 -18.06 14.42 22.11
CA THR A 79 -19.14 15.09 21.40
C THR A 79 -19.09 14.79 19.90
N TYR A 80 -17.90 14.88 19.31
CA TYR A 80 -17.73 14.58 17.88
C TYR A 80 -18.11 13.13 17.58
N LYS A 81 -17.66 12.20 18.43
CA LYS A 81 -17.97 10.80 18.19
C LYS A 81 -19.47 10.55 18.28
N ARG A 82 -20.20 11.41 19.00
CA ARG A 82 -21.65 11.31 19.08
C ARG A 82 -22.31 11.81 17.81
N ARG A 83 -21.87 12.95 17.29
CA ARG A 83 -22.40 13.45 16.02
C ARG A 83 -22.09 12.51 14.87
N ALA A 84 -20.97 11.79 14.94
CA ALA A 84 -20.64 10.83 13.89
C ALA A 84 -21.63 9.67 13.88
N GLU A 85 -21.97 9.15 15.07
CA GLU A 85 -22.98 8.09 15.15
C GLU A 85 -24.32 8.59 14.62
N GLU A 86 -24.66 9.85 14.90
CA GLU A 86 -25.88 10.44 14.37
C GLU A 86 -25.85 10.48 12.85
N LEU A 87 -24.74 10.94 12.26
CA LEU A 87 -24.65 11.01 10.80
C LEU A 87 -24.65 9.61 10.17
N LYS A 88 -23.96 8.65 10.79
CA LYS A 88 -23.91 7.31 10.23
C LYS A 88 -25.31 6.74 10.06
N GLY A 89 -26.20 7.00 11.04
CA GLY A 89 -27.56 6.50 10.93
C GLY A 89 -28.33 7.18 9.82
N LYS A 90 -28.25 8.51 9.75
CA LYS A 90 -28.96 9.25 8.71
C LYS A 90 -28.44 8.90 7.31
N VAL A 91 -27.18 8.52 7.20
CA VAL A 91 -26.65 8.10 5.91
C VAL A 91 -27.17 6.71 5.56
N LYS A 92 -27.26 5.82 6.56
CA LYS A 92 -27.70 4.45 6.29
C LYS A 92 -29.12 4.41 5.74
N THR A 93 -29.99 5.30 6.22
CA THR A 93 -31.36 5.32 5.70
C THR A 93 -31.46 6.07 4.38
N ALA A 94 -30.60 7.07 4.16
CA ALA A 94 -30.56 7.70 2.84
C ALA A 94 -30.06 6.75 1.76
N ILE A 95 -29.19 5.80 2.13
CA ILE A 95 -28.76 4.75 1.21
C ILE A 95 -29.95 3.87 0.80
N LYS A 96 -30.90 3.68 1.73
CA LYS A 96 -32.09 2.89 1.43
C LYS A 96 -32.88 3.48 0.27
N ASP A 97 -32.80 4.80 0.06
CA ASP A 97 -33.57 5.44 -0.99
C ASP A 97 -32.84 5.49 -2.33
N VAL A 98 -31.75 4.73 -2.48
CA VAL A 98 -30.99 4.70 -3.73
C VAL A 98 -31.27 3.34 -4.35
N THR A 99 -32.11 3.33 -5.37
CA THR A 99 -32.64 2.09 -5.95
C THR A 99 -32.20 1.85 -7.38
N GLU A 100 -31.92 2.91 -8.13
CA GLU A 100 -31.41 2.76 -9.49
C GLU A 100 -29.99 2.23 -9.50
N PRO A 101 -29.67 1.22 -10.32
CA PRO A 101 -28.34 0.59 -10.25
C PRO A 101 -27.16 1.54 -10.46
N LEU A 102 -27.22 2.43 -11.45
CA LEU A 102 -26.09 3.32 -11.67
C LEU A 102 -25.91 4.27 -10.50
N ASP A 103 -27.02 4.75 -9.90
CA ASP A 103 -26.92 5.58 -8.71
C ASP A 103 -26.29 4.82 -7.55
N GLN A 104 -26.62 3.52 -7.44
CA GLN A 104 -26.02 2.71 -6.40
C GLN A 104 -24.52 2.55 -6.62
N LEU A 105 -24.11 2.30 -7.86
CA LEU A 105 -22.69 2.18 -8.17
C LEU A 105 -21.96 3.48 -7.88
N GLU A 106 -22.52 4.61 -8.30
CA GLU A 106 -21.91 5.90 -8.00
C GLU A 106 -21.90 6.17 -6.49
N LEU A 107 -22.88 5.64 -5.75
CA LEU A 107 -22.86 5.77 -4.30
C LEU A 107 -21.66 5.03 -3.70
N ILE A 108 -21.48 3.76 -4.07
CA ILE A 108 -20.34 3.00 -3.58
C ILE A 108 -19.04 3.74 -3.91
N ASP A 109 -18.90 4.16 -5.17
CA ASP A 109 -17.72 4.90 -5.59
C ASP A 109 -17.46 6.09 -4.67
N ASN A 110 -18.53 6.82 -4.34
CA ASN A 110 -18.38 8.01 -3.50
C ASN A 110 -18.00 7.62 -2.08
N LEU A 111 -18.67 6.61 -1.52
CA LEU A 111 -18.34 6.14 -0.18
C LEU A 111 -16.87 5.74 -0.07
N GLN A 112 -16.35 5.06 -1.11
CA GLN A 112 -15.00 4.54 -1.06
C GLN A 112 -13.98 5.67 -1.15
N ARG A 113 -14.16 6.58 -2.10
CA ARG A 113 -13.22 7.68 -2.27
C ARG A 113 -13.29 8.71 -1.13
N LEU A 114 -14.42 8.78 -0.40
CA LEU A 114 -14.54 9.69 0.74
C LEU A 114 -13.87 9.14 1.98
N GLY A 115 -13.44 7.88 1.96
CA GLY A 115 -12.89 7.25 3.15
C GLY A 115 -13.91 6.62 4.07
N LEU A 116 -15.17 6.52 3.65
CA LEU A 116 -16.26 6.13 4.54
C LEU A 116 -16.69 4.67 4.38
N ALA A 117 -16.11 3.92 3.44
CA ALA A 117 -16.72 2.64 3.06
C ALA A 117 -16.70 1.63 4.20
N TYR A 118 -15.69 1.64 5.07
CA TYR A 118 -15.64 0.59 6.10
C TYR A 118 -16.73 0.76 7.15
N HIS A 119 -17.44 1.89 7.17
CA HIS A 119 -18.59 2.11 8.03
C HIS A 119 -19.90 1.59 7.45
N PHE A 120 -19.93 1.21 6.17
CA PHE A 120 -21.13 0.79 5.49
C PHE A 120 -20.89 -0.49 4.68
N GLU A 121 -20.14 -1.42 5.24
CA GLU A 121 -19.79 -2.63 4.48
C GLU A 121 -21.00 -3.49 4.17
N PRO A 122 -21.93 -3.73 5.10
CA PRO A 122 -23.14 -4.50 4.72
C PRO A 122 -23.95 -3.84 3.62
N GLU A 123 -24.12 -2.51 3.69
CA GLU A 123 -24.91 -1.80 2.68
C GLU A 123 -24.24 -1.87 1.30
N ILE A 124 -22.91 -1.81 1.25
CA ILE A 124 -22.22 -1.94 -0.03
C ILE A 124 -22.31 -3.37 -0.53
N ARG A 125 -22.12 -4.33 0.37
CA ARG A 125 -22.22 -5.74 0.02
C ARG A 125 -23.58 -6.05 -0.60
N ASN A 126 -24.65 -5.45 -0.04
CA ASN A 126 -26.00 -5.71 -0.53
C ASN A 126 -26.19 -5.17 -1.93
N ILE A 127 -25.82 -3.89 -2.13
CA ILE A 127 -25.93 -3.30 -3.46
C ILE A 127 -25.20 -4.16 -4.48
N LEU A 128 -23.97 -4.56 -4.16
CA LEU A 128 -23.15 -5.22 -5.16
C LEU A 128 -23.67 -6.61 -5.49
N ARG A 129 -24.10 -7.36 -4.47
CA ARG A 129 -24.63 -8.70 -4.73
C ARG A 129 -25.95 -8.64 -5.52
N ASN A 130 -26.78 -7.62 -5.28
CA ASN A 130 -28.00 -7.47 -6.06
C ASN A 130 -27.68 -7.14 -7.52
N ILE A 131 -26.72 -6.24 -7.74
CA ILE A 131 -26.32 -5.92 -9.11
C ILE A 131 -25.72 -7.14 -9.81
N HIS A 132 -24.98 -7.98 -9.08
CA HIS A 132 -24.46 -9.21 -9.67
C HIS A 132 -25.58 -10.17 -10.06
N ASN A 133 -26.58 -10.34 -9.19
CA ASN A 133 -27.76 -11.16 -9.49
C ASN A 133 -28.41 -10.72 -10.80
N HIS A 134 -28.53 -9.42 -11.01
CA HIS A 134 -29.33 -8.82 -12.08
C HIS A 134 -28.55 -8.61 -13.39
N ASN A 135 -27.23 -8.72 -13.39
CA ASN A 135 -26.50 -8.14 -14.53
C ASN A 135 -26.36 -9.12 -15.70
N LYS A 136 -26.94 -10.31 -15.60
CA LYS A 136 -27.13 -11.16 -16.77
C LYS A 136 -28.53 -11.06 -17.36
N ASP A 137 -29.38 -10.17 -16.82
CA ASP A 137 -30.69 -9.91 -17.38
C ASP A 137 -30.57 -9.41 -18.81
N TYR A 138 -31.71 -9.44 -19.52
CA TYR A 138 -31.68 -9.33 -20.98
C TYR A 138 -31.16 -7.96 -21.44
N ASN A 139 -31.80 -6.89 -21.00
CA ASN A 139 -31.39 -5.56 -21.45
C ASN A 139 -30.59 -4.81 -20.37
N TRP A 140 -29.77 -5.52 -19.61
CA TRP A 140 -29.05 -4.85 -18.53
C TRP A 140 -27.95 -3.94 -19.07
N ARG A 141 -27.09 -4.47 -19.95
CA ARG A 141 -25.95 -3.71 -20.48
C ARG A 141 -26.42 -2.57 -21.37
N LYS A 142 -26.65 -1.40 -20.77
CA LYS A 142 -27.21 -0.24 -21.46
C LYS A 142 -26.28 0.29 -22.56
N GLU A 143 -25.01 -0.13 -22.56
CA GLU A 143 -23.98 0.32 -23.52
C GLU A 143 -23.66 1.80 -23.31
N ASN A 144 -23.53 2.17 -22.05
CA ASN A 144 -22.88 3.40 -21.62
C ASN A 144 -21.49 3.00 -21.16
N LEU A 145 -20.44 3.49 -21.83
CA LEU A 145 -19.09 3.05 -21.49
C LEU A 145 -18.74 3.39 -20.05
N TYR A 146 -19.13 4.59 -19.60
CA TYR A 146 -18.89 5.00 -18.22
C TYR A 146 -19.52 4.01 -17.24
N ALA A 147 -20.82 3.73 -17.42
CA ALA A 147 -21.55 2.87 -16.48
C ALA A 147 -21.04 1.44 -16.50
N THR A 148 -20.77 0.91 -17.70
CA THR A 148 -20.22 -0.43 -17.83
C THR A 148 -18.85 -0.55 -17.17
N SER A 149 -18.01 0.49 -17.31
CA SER A 149 -16.68 0.49 -16.70
C SER A 149 -16.76 0.63 -15.19
N LEU A 150 -17.62 1.54 -14.71
CA LEU A 150 -17.82 1.68 -13.28
C LEU A 150 -18.25 0.35 -12.66
N GLU A 151 -19.21 -0.32 -13.29
CA GLU A 151 -19.73 -1.57 -12.74
C GLU A 151 -18.66 -2.65 -12.76
N PHE A 152 -17.91 -2.76 -13.87
CA PHE A 152 -16.83 -3.74 -13.99
C PHE A 152 -15.80 -3.53 -12.89
N ARG A 153 -15.41 -2.27 -12.67
CA ARG A 153 -14.42 -1.96 -11.63
C ARG A 153 -14.91 -2.40 -10.27
N LEU A 154 -16.11 -1.95 -9.88
CA LEU A 154 -16.58 -2.19 -8.52
C LEU A 154 -16.81 -3.67 -8.26
N LEU A 155 -17.34 -4.39 -9.24
CA LEU A 155 -17.57 -5.81 -9.05
C LEU A 155 -16.26 -6.58 -8.94
N ARG A 156 -15.30 -6.29 -9.85
CA ARG A 156 -13.99 -6.96 -9.75
C ARG A 156 -13.29 -6.59 -8.46
N GLN A 157 -13.35 -5.31 -8.06
CA GLN A 157 -12.72 -4.89 -6.82
C GLN A 157 -13.18 -5.76 -5.66
N HIS A 158 -14.48 -6.04 -5.57
CA HIS A 158 -15.01 -6.81 -4.44
C HIS A 158 -15.12 -8.30 -4.74
N GLY A 159 -14.39 -8.82 -5.72
CA GLY A 159 -14.30 -10.25 -5.91
C GLY A 159 -15.42 -10.90 -6.68
N TYR A 160 -16.33 -10.11 -7.37
CA TYR A 160 -17.39 -10.73 -8.17
C TYR A 160 -16.91 -10.99 -9.60
N PRO A 161 -17.20 -12.15 -10.18
CA PRO A 161 -16.80 -12.40 -11.58
C PRO A 161 -17.54 -11.48 -12.55
N VAL A 162 -16.78 -10.86 -13.45
CA VAL A 162 -17.30 -10.08 -14.57
C VAL A 162 -16.35 -10.28 -15.74
N SER A 163 -16.90 -10.57 -16.91
CA SER A 163 -16.07 -10.86 -18.08
C SER A 163 -15.58 -9.57 -18.73
N GLN A 164 -14.37 -9.64 -19.32
CA GLN A 164 -13.91 -8.58 -20.21
C GLN A 164 -14.85 -8.39 -21.40
N GLU A 165 -15.69 -9.37 -21.72
CA GLU A 165 -16.57 -9.26 -22.88
C GLU A 165 -17.64 -8.19 -22.70
N VAL A 166 -17.90 -7.71 -21.48
CA VAL A 166 -18.83 -6.60 -21.32
C VAL A 166 -18.38 -5.37 -22.11
N PHE A 167 -17.11 -5.29 -22.54
CA PHE A 167 -16.60 -4.15 -23.31
C PHE A 167 -16.59 -4.38 -24.82
N SER A 168 -16.86 -5.59 -25.30
CA SER A 168 -16.63 -5.89 -26.71
C SER A 168 -17.53 -5.06 -27.64
N GLY A 169 -18.63 -4.52 -27.12
CA GLY A 169 -19.51 -3.70 -27.93
C GLY A 169 -18.96 -2.31 -28.20
N PHE A 170 -17.96 -1.88 -27.45
CA PHE A 170 -17.36 -0.57 -27.65
C PHE A 170 -16.13 -0.64 -28.54
N LYS A 171 -15.85 -1.81 -29.11
CA LYS A 171 -14.57 -2.12 -29.74
C LYS A 171 -14.83 -2.72 -31.12
N ASP A 172 -14.26 -2.11 -32.15
CA ASP A 172 -14.27 -2.66 -33.50
C ASP A 172 -13.03 -3.53 -33.69
N ASP A 173 -13.24 -4.71 -34.31
CA ASP A 173 -12.14 -5.68 -34.45
C ASP A 173 -10.99 -5.13 -35.30
N LYS A 174 -11.25 -4.19 -36.19
CA LYS A 174 -10.23 -3.62 -37.06
C LYS A 174 -9.61 -2.35 -36.49
N VAL A 175 -10.44 -1.41 -36.03
CA VAL A 175 -9.99 -0.07 -35.65
C VAL A 175 -9.91 0.14 -34.14
N GLY A 176 -10.24 -0.88 -33.34
CA GLY A 176 -10.09 -0.76 -31.89
C GLY A 176 -11.27 -0.05 -31.22
N PHE A 177 -10.99 0.52 -30.06
CA PHE A 177 -12.04 1.18 -29.28
C PHE A 177 -12.52 2.45 -29.95
N ILE A 178 -13.83 2.69 -29.86
CA ILE A 178 -14.49 3.87 -30.41
C ILE A 178 -15.21 4.57 -29.26
N CYS A 179 -14.63 5.66 -28.78
CA CYS A 179 -15.29 6.48 -27.77
C CYS A 179 -14.65 7.86 -27.78
N ASP A 180 -15.47 8.89 -27.61
CA ASP A 180 -15.00 10.26 -27.51
C ASP A 180 -15.42 10.92 -26.21
N ASP A 181 -16.21 10.22 -25.38
CA ASP A 181 -16.68 10.75 -24.10
C ASP A 181 -15.58 10.59 -23.05
N PHE A 182 -15.06 11.71 -22.56
CA PHE A 182 -13.96 11.66 -21.58
C PHE A 182 -14.38 10.90 -20.34
N LYS A 183 -15.62 11.09 -19.89
CA LYS A 183 -16.10 10.42 -18.69
C LYS A 183 -16.01 8.91 -18.85
N GLY A 184 -16.43 8.38 -19.99
CA GLY A 184 -16.35 6.95 -20.20
C GLY A 184 -14.92 6.46 -20.35
N ILE A 185 -14.08 7.25 -21.03
CA ILE A 185 -12.67 6.86 -21.21
C ILE A 185 -11.95 6.85 -19.87
N LEU A 186 -12.21 7.84 -19.01
CA LEU A 186 -11.61 7.86 -17.68
C LEU A 186 -12.01 6.63 -16.86
N SER A 187 -13.31 6.30 -16.88
CA SER A 187 -13.78 5.15 -16.11
C SER A 187 -13.24 3.84 -16.67
N LEU A 188 -13.12 3.75 -17.99
CA LEU A 188 -12.54 2.56 -18.61
C LEU A 188 -11.06 2.43 -18.26
N HIS A 189 -10.36 3.56 -18.18
CA HIS A 189 -8.96 3.54 -17.77
C HIS A 189 -8.81 2.96 -16.37
N GLU A 190 -9.61 3.47 -15.41
CA GLU A 190 -9.60 2.91 -14.07
C GLU A 190 -9.94 1.42 -14.08
N ALA A 191 -10.91 1.00 -14.91
CA ALA A 191 -11.31 -0.41 -14.90
C ALA A 191 -10.23 -1.31 -15.45
N SER A 192 -9.39 -0.80 -16.36
CA SER A 192 -8.39 -1.65 -16.99
C SER A 192 -7.35 -2.14 -16.01
N TYR A 193 -7.14 -1.42 -14.91
CA TYR A 193 -6.20 -1.93 -13.90
C TYR A 193 -6.72 -3.15 -13.17
N TYR A 194 -7.99 -3.53 -13.36
CA TYR A 194 -8.50 -4.76 -12.75
C TYR A 194 -8.36 -5.97 -13.68
N SER A 195 -7.64 -5.81 -14.77
CA SER A 195 -7.50 -6.86 -15.75
C SER A 195 -6.71 -8.03 -15.18
N LEU A 196 -6.91 -9.20 -15.78
CA LEU A 196 -6.15 -10.41 -15.49
C LEU A 196 -5.18 -10.67 -16.63
N GLU A 197 -4.25 -11.58 -16.37
CA GLU A 197 -3.30 -12.00 -17.39
C GLU A 197 -4.02 -12.58 -18.60
N GLY A 198 -3.63 -12.14 -19.81
CA GLY A 198 -4.24 -12.67 -21.02
C GLY A 198 -5.57 -12.08 -21.40
N GLU A 199 -6.03 -11.02 -20.75
CA GLU A 199 -7.29 -10.39 -21.15
C GLU A 199 -6.94 -9.31 -22.17
N SER A 200 -6.98 -9.68 -23.45
CA SER A 200 -6.53 -8.78 -24.50
C SER A 200 -7.48 -7.62 -24.73
N ILE A 201 -8.77 -7.76 -24.42
CA ILE A 201 -9.62 -6.59 -24.48
C ILE A 201 -9.18 -5.57 -23.43
N MET A 202 -8.88 -6.03 -22.22
CA MET A 202 -8.50 -5.11 -21.15
C MET A 202 -7.12 -4.49 -21.43
N GLU A 203 -6.18 -5.28 -21.93
CA GLU A 203 -4.91 -4.70 -22.34
C GLU A 203 -5.10 -3.66 -23.43
N GLU A 204 -5.87 -4.00 -24.46
CA GLU A 204 -6.16 -3.01 -25.50
C GLU A 204 -6.89 -1.79 -24.94
N ALA A 205 -7.80 -2.00 -23.99
CA ALA A 205 -8.47 -0.88 -23.33
C ALA A 205 -7.46 0.06 -22.67
N TRP A 206 -6.45 -0.50 -21.99
CA TRP A 206 -5.46 0.35 -21.32
C TRP A 206 -4.63 1.12 -22.35
N GLN A 207 -4.20 0.45 -23.42
CA GLN A 207 -3.48 1.16 -24.47
C GLN A 207 -4.32 2.32 -25.00
N PHE A 208 -5.59 2.06 -25.31
CA PHE A 208 -6.43 3.11 -25.89
C PHE A 208 -6.62 4.29 -24.94
N THR A 209 -6.92 4.01 -23.66
CA THR A 209 -7.25 5.08 -22.71
C THR A 209 -6.02 5.86 -22.26
N SER A 210 -4.89 5.21 -22.00
CA SER A 210 -3.72 5.97 -21.59
C SER A 210 -3.21 6.86 -22.71
N LYS A 211 -3.26 6.38 -23.96
CA LYS A 211 -2.93 7.25 -25.09
C LYS A 211 -3.83 8.46 -25.11
N HIS A 212 -5.15 8.24 -25.00
CA HIS A 212 -6.10 9.35 -25.03
C HIS A 212 -5.86 10.31 -23.87
N LEU A 213 -5.55 9.79 -22.68
CA LEU A 213 -5.37 10.68 -21.54
C LEU A 213 -4.07 11.46 -21.63
N LYS A 214 -3.03 10.88 -22.24
CA LYS A 214 -1.79 11.63 -22.41
C LYS A 214 -1.97 12.77 -23.41
N GLU A 215 -2.64 12.51 -24.53
CA GLU A 215 -2.90 13.57 -25.50
C GLU A 215 -3.80 14.66 -24.92
N MET A 216 -4.56 14.32 -23.88
CA MET A 216 -5.40 15.27 -23.17
C MET A 216 -4.63 16.35 -22.44
N MET A 217 -3.30 16.19 -22.29
CA MET A 217 -2.52 17.11 -21.48
C MET A 217 -1.41 17.81 -22.27
N ILE A 218 -1.42 17.73 -23.60
CA ILE A 218 -0.42 18.40 -24.42
C ILE A 218 -1.00 19.72 -24.93
N ASP A 226 -12.78 22.68 -18.34
CA ASP A 226 -11.66 21.89 -18.84
C ASP A 226 -10.51 21.81 -17.82
N VAL A 227 -10.48 22.76 -16.88
CA VAL A 227 -9.40 22.75 -15.90
C VAL A 227 -9.51 21.52 -15.00
N PHE A 228 -10.73 21.10 -14.69
CA PHE A 228 -10.94 19.89 -13.91
C PHE A 228 -10.70 18.64 -14.74
N VAL A 229 -11.05 18.68 -16.03
CA VAL A 229 -10.81 17.55 -16.92
C VAL A 229 -9.32 17.25 -17.02
N ALA A 230 -8.48 18.29 -17.15
CA ALA A 230 -7.05 18.05 -17.21
C ALA A 230 -6.54 17.48 -15.90
N GLU A 231 -7.07 17.96 -14.77
CA GLU A 231 -6.62 17.42 -13.49
C GLU A 231 -6.98 15.95 -13.34
N GLN A 232 -8.22 15.58 -13.69
CA GLN A 232 -8.63 14.18 -13.60
C GLN A 232 -7.76 13.29 -14.48
N ALA A 233 -7.47 13.72 -15.71
CA ALA A 233 -6.62 12.93 -16.57
C ALA A 233 -5.23 12.78 -15.97
N LYS A 234 -4.65 13.89 -15.47
CA LYS A 234 -3.34 13.83 -14.84
C LYS A 234 -3.35 12.87 -13.66
N ARG A 235 -4.33 13.00 -12.78
CA ARG A 235 -4.38 12.16 -11.58
C ARG A 235 -4.52 10.68 -11.92
N ALA A 236 -5.34 10.34 -12.92
CA ALA A 236 -5.52 8.93 -13.25
C ALA A 236 -4.28 8.35 -13.91
N LEU A 237 -3.56 9.18 -14.67
CA LEU A 237 -2.33 8.72 -15.30
C LEU A 237 -1.24 8.48 -14.28
N GLU A 238 -1.20 9.23 -13.18
CA GLU A 238 -0.10 9.00 -12.26
C GLU A 238 -0.44 7.99 -11.16
N LEU A 239 -1.71 7.80 -10.82
CA LEU A 239 -2.09 6.84 -9.78
C LEU A 239 -3.54 6.42 -10.01
N PRO A 240 -3.78 5.25 -10.59
CA PRO A 240 -5.17 4.79 -10.72
C PRO A 240 -5.74 4.38 -9.37
N LEU A 241 -7.06 4.30 -9.30
CA LEU A 241 -7.74 4.00 -8.02
C LEU A 241 -7.30 2.66 -7.45
N HIS A 242 -7.09 1.66 -8.30
CA HIS A 242 -6.67 0.34 -7.82
C HIS A 242 -5.32 0.40 -7.10
N TRP A 243 -4.51 1.41 -7.39
CA TRP A 243 -3.16 1.49 -6.85
C TRP A 243 -3.03 2.44 -5.67
N LYS A 244 -4.14 2.90 -5.10
CA LYS A 244 -4.07 3.82 -3.97
C LYS A 244 -4.89 3.30 -2.81
N ALA A 245 -4.33 3.42 -1.61
CA ALA A 245 -5.04 3.05 -0.40
C ALA A 245 -6.13 4.09 -0.12
N PRO A 246 -7.18 3.72 0.61
CA PRO A 246 -8.41 4.55 0.57
C PRO A 246 -8.25 5.92 1.21
N MET A 247 -7.60 6.00 2.37
CA MET A 247 -7.53 7.27 3.08
C MET A 247 -6.65 8.29 2.38
N LEU A 248 -5.65 7.83 1.62
CA LEU A 248 -4.67 8.74 1.05
C LEU A 248 -5.34 9.78 0.15
N GLU A 249 -6.32 9.37 -0.64
CA GLU A 249 -7.01 10.29 -1.53
C GLU A 249 -8.16 11.05 -0.88
N ALA A 250 -8.52 10.73 0.38
CA ALA A 250 -9.78 11.21 0.94
C ALA A 250 -9.86 12.74 0.95
N ARG A 251 -8.76 13.43 1.32
CA ARG A 251 -8.88 14.88 1.41
C ARG A 251 -9.08 15.51 0.05
N TRP A 252 -8.40 15.01 -0.98
CA TRP A 252 -8.63 15.54 -2.33
C TRP A 252 -10.08 15.32 -2.75
N PHE A 253 -10.56 14.07 -2.60
CA PHE A 253 -11.92 13.77 -3.05
C PHE A 253 -12.98 14.46 -2.19
N ILE A 254 -12.71 14.69 -0.90
CA ILE A 254 -13.72 15.36 -0.08
C ILE A 254 -14.02 16.74 -0.64
N HIS A 255 -13.00 17.45 -1.14
CA HIS A 255 -13.23 18.77 -1.71
C HIS A 255 -13.91 18.67 -3.06
N VAL A 256 -13.49 17.72 -3.89
CA VAL A 256 -14.20 17.46 -5.13
C VAL A 256 -15.69 17.25 -4.86
N TYR A 257 -16.01 16.48 -3.82
CA TYR A 257 -17.40 16.12 -3.57
C TYR A 257 -18.24 17.32 -3.15
N GLU A 258 -17.69 18.23 -2.33
CA GLU A 258 -18.52 19.33 -1.84
C GLU A 258 -18.75 20.38 -2.92
N LYS A 259 -17.87 20.44 -3.90
CA LYS A 259 -18.05 21.27 -5.09
C LYS A 259 -19.09 20.70 -6.08
N ARG A 260 -19.91 19.72 -5.68
CA ARG A 260 -20.91 19.11 -6.55
C ARG A 260 -22.30 19.65 -6.26
N GLU A 261 -23.07 19.90 -7.31
CA GLU A 261 -24.46 20.31 -7.14
C GLU A 261 -25.24 19.28 -6.34
N ASP A 262 -25.23 18.03 -6.77
CA ASP A 262 -26.06 16.97 -6.22
C ASP A 262 -25.48 16.33 -4.96
N LYS A 263 -24.46 16.92 -4.34
CA LYS A 263 -23.84 16.34 -3.16
C LYS A 263 -24.86 16.00 -2.10
N ASN A 264 -24.65 14.87 -1.42
CA ASN A 264 -25.37 14.61 -0.18
C ASN A 264 -24.66 15.32 0.96
N HIS A 265 -25.34 16.24 1.63
CA HIS A 265 -24.68 17.12 2.59
C HIS A 265 -24.30 16.38 3.87
N LEU A 266 -25.10 15.41 4.33
CA LEU A 266 -24.73 14.67 5.53
C LEU A 266 -23.53 13.77 5.28
N LEU A 267 -23.48 13.15 4.11
CA LEU A 267 -22.34 12.32 3.74
C LEU A 267 -21.06 13.15 3.77
N LEU A 268 -21.06 14.30 3.10
CA LEU A 268 -19.88 15.17 3.09
C LEU A 268 -19.45 15.55 4.50
N GLU A 269 -20.41 15.95 5.34
CA GLU A 269 -20.08 16.30 6.71
C GLU A 269 -19.54 15.11 7.47
N LEU A 270 -20.04 13.91 7.17
CA LEU A 270 -19.52 12.73 7.84
C LEU A 270 -18.10 12.43 7.39
N ALA A 271 -17.80 12.69 6.11
CA ALA A 271 -16.46 12.44 5.59
C ALA A 271 -15.45 13.36 6.27
N LYS A 272 -15.77 14.65 6.39
CA LYS A 272 -14.87 15.58 7.07
C LYS A 272 -14.66 15.18 8.53
N LEU A 273 -15.74 14.83 9.21
CA LEU A 273 -15.63 14.52 10.63
C LEU A 273 -14.78 13.27 10.87
N GLU A 274 -15.01 12.22 10.06
CA GLU A 274 -14.27 10.97 10.24
C GLU A 274 -12.80 11.14 9.89
N PHE A 275 -12.50 11.96 8.88
CA PHE A 275 -11.11 12.25 8.55
C PHE A 275 -10.39 12.88 9.73
N ASN A 276 -11.02 13.89 10.36
CA ASN A 276 -10.39 14.61 11.46
C ASN A 276 -10.26 13.75 12.71
N THR A 277 -11.23 12.86 12.95
CA THR A 277 -11.15 11.94 14.07
C THR A 277 -10.02 10.95 13.88
N LEU A 278 -9.86 10.45 12.65
CA LEU A 278 -8.78 9.54 12.34
C LEU A 278 -7.44 10.19 12.61
N GLN A 279 -7.28 11.45 12.17
CA GLN A 279 -6.03 12.16 12.45
C GLN A 279 -5.74 12.19 13.94
N ALA A 280 -6.76 12.55 14.73
CA ALA A 280 -6.59 12.63 16.18
C ALA A 280 -6.20 11.29 16.76
N ILE A 281 -6.81 10.22 16.25
CA ILE A 281 -6.45 8.87 16.71
C ILE A 281 -4.98 8.59 16.42
N TYR A 282 -4.51 8.96 15.22
CA TYR A 282 -3.13 8.68 14.83
C TYR A 282 -2.14 9.52 15.62
N GLN A 283 -2.50 10.79 15.90
CA GLN A 283 -1.62 11.64 16.70
C GLN A 283 -1.40 11.05 18.09
N GLU A 284 -2.46 10.52 18.73
CA GLU A 284 -2.28 9.85 20.03
C GLU A 284 -1.34 8.66 19.91
N GLU A 285 -1.52 7.83 18.89
CA GLU A 285 -0.60 6.70 18.69
C GLU A 285 0.83 7.19 18.50
N LEU A 286 1.00 8.26 17.71
CA LEU A 286 2.33 8.79 17.47
C LEU A 286 3.01 9.26 18.76
N LYS A 287 2.25 9.90 19.67
CA LYS A 287 2.83 10.26 20.98
C LYS A 287 3.43 9.05 21.67
N ASP A 288 2.73 7.92 21.59
CA ASP A 288 3.19 6.73 22.29
C ASP A 288 4.35 6.09 21.56
N ILE A 289 4.27 5.98 20.23
CA ILE A 289 5.39 5.41 19.50
C ILE A 289 6.62 6.31 19.63
N SER A 290 6.41 7.62 19.58
CA SER A 290 7.52 8.56 19.74
C SER A 290 8.29 8.32 21.04
N GLY A 291 7.58 8.16 22.16
CA GLY A 291 8.26 7.91 23.41
C GLY A 291 9.09 6.65 23.37
N TRP A 292 8.57 5.62 22.72
CA TRP A 292 9.31 4.37 22.63
C TRP A 292 10.60 4.56 21.85
N TRP A 293 10.52 5.30 20.73
CA TRP A 293 11.72 5.56 19.94
C TRP A 293 12.75 6.35 20.74
N LYS A 294 12.28 7.36 21.49
CA LYS A 294 13.18 8.15 22.32
C LYS A 294 13.89 7.28 23.37
N ASP A 295 13.15 6.38 24.01
CA ASP A 295 13.73 5.52 25.04
C ASP A 295 14.87 4.67 24.51
N THR A 296 14.74 4.11 23.30
CA THR A 296 15.82 3.26 22.82
C THR A 296 17.06 4.05 22.48
N GLY A 297 16.94 5.35 22.22
CA GLY A 297 18.11 6.19 22.09
C GLY A 297 19.00 5.90 20.91
N LEU A 298 18.54 5.14 19.92
CA LEU A 298 19.38 4.90 18.74
C LEU A 298 19.76 6.20 18.02
N GLY A 299 18.84 7.15 17.96
CA GLY A 299 19.14 8.43 17.31
C GLY A 299 20.25 9.22 17.98
N GLU A 300 20.62 8.85 19.20
CA GLU A 300 21.72 9.46 19.93
C GLU A 300 23.03 8.71 19.76
N LYS A 301 22.96 7.38 19.64
CA LYS A 301 24.18 6.60 19.44
C LYS A 301 24.68 6.72 18.01
N LEU A 302 23.78 6.61 17.04
CA LEU A 302 24.16 6.55 15.63
C LEU A 302 23.77 7.86 14.99
N SER A 303 24.77 8.66 14.57
CA SER A 303 24.46 9.95 14.00
C SER A 303 23.71 9.82 12.68
N PHE A 304 23.77 8.65 12.03
CA PHE A 304 22.98 8.41 10.83
C PHE A 304 21.57 7.90 11.12
N ALA A 305 21.27 7.54 12.37
CA ALA A 305 19.93 7.06 12.73
C ALA A 305 18.99 8.27 12.92
N ARG A 306 18.71 8.93 11.80
CA ARG A 306 17.79 10.06 11.80
C ARG A 306 16.40 9.63 12.25
N ASN A 307 15.67 10.56 12.85
CA ASN A 307 14.30 10.30 13.27
C ASN A 307 13.42 10.23 12.02
N ARG A 308 13.09 9.00 11.60
CA ARG A 308 12.16 8.76 10.49
C ARG A 308 10.83 8.18 10.99
N LEU A 309 10.42 8.60 12.20
CA LEU A 309 9.25 7.99 12.84
C LEU A 309 7.96 8.34 12.11
N VAL A 310 7.74 9.63 11.85
CA VAL A 310 6.52 10.05 11.17
C VAL A 310 6.44 9.39 9.79
N ALA A 311 7.57 9.37 9.08
CA ALA A 311 7.62 8.73 7.76
C ALA A 311 7.29 7.26 7.86
N SER A 312 7.83 6.58 8.87
CA SER A 312 7.51 5.16 9.08
C SER A 312 6.03 4.96 9.42
N PHE A 313 5.46 5.84 10.24
CA PHE A 313 4.05 5.71 10.61
C PHE A 313 3.16 5.90 9.38
N LEU A 314 3.56 6.78 8.48
CA LEU A 314 2.81 7.00 7.25
C LEU A 314 2.65 5.71 6.45
N TRP A 315 3.75 4.96 6.27
CA TRP A 315 3.66 3.65 5.64
C TRP A 315 2.69 2.73 6.38
N SER A 316 2.77 2.70 7.71
CA SER A 316 1.99 1.78 8.49
C SER A 316 0.50 2.12 8.43
N MET A 317 0.19 3.42 8.37
CA MET A 317 -1.19 3.85 8.20
C MET A 317 -1.72 3.52 6.80
N GLY A 318 -0.87 3.62 5.77
CA GLY A 318 -1.27 3.17 4.45
C GLY A 318 -1.51 1.67 4.41
N ILE A 319 -0.73 0.91 5.17
CA ILE A 319 -0.93 -0.53 5.23
C ILE A 319 -2.23 -0.88 5.94
N ALA A 320 -2.57 -0.18 7.03
CA ALA A 320 -3.73 -0.56 7.85
C ALA A 320 -4.24 0.71 8.51
N PHE A 321 -5.27 1.34 7.94
CA PHE A 321 -5.67 2.65 8.44
C PHE A 321 -6.72 2.61 9.55
N GLU A 322 -7.42 1.48 9.72
CA GLU A 322 -8.63 1.50 10.55
C GLU A 322 -8.27 1.60 12.04
N PRO A 323 -9.12 2.31 12.82
CA PRO A 323 -8.87 2.44 14.27
C PRO A 323 -8.51 1.16 14.99
N GLN A 324 -9.14 0.04 14.63
CA GLN A 324 -8.88 -1.20 15.35
C GLN A 324 -7.49 -1.75 15.10
N PHE A 325 -6.75 -1.24 14.10
CA PHE A 325 -5.41 -1.74 13.83
C PHE A 325 -4.32 -0.90 14.51
N ALA A 326 -4.62 -0.31 15.66
CA ALA A 326 -3.61 0.51 16.36
C ALA A 326 -2.36 -0.29 16.67
N TYR A 327 -2.53 -1.50 17.22
CA TYR A 327 -1.37 -2.32 17.55
C TYR A 327 -0.57 -2.67 16.30
N CYS A 328 -1.26 -3.03 15.21
CA CYS A 328 -0.61 -3.28 13.94
C CYS A 328 0.23 -2.07 13.50
N ARG A 329 -0.35 -0.86 13.52
CA ARG A 329 0.41 0.32 13.11
C ARG A 329 1.62 0.56 14.01
N ARG A 330 1.51 0.24 15.30
CA ARG A 330 2.63 0.45 16.20
C ARG A 330 3.78 -0.48 15.88
N VAL A 331 3.50 -1.77 15.72
CA VAL A 331 4.56 -2.74 15.42
C VAL A 331 5.15 -2.47 14.04
N LEU A 332 4.31 -2.10 13.06
CA LEU A 332 4.82 -1.77 11.73
C LEU A 332 5.73 -0.54 11.78
N THR A 333 5.33 0.52 12.50
CA THR A 333 6.12 1.74 12.54
C THR A 333 7.51 1.50 13.13
N ILE A 334 7.56 0.77 14.24
CA ILE A 334 8.83 0.51 14.90
C ILE A 334 9.68 -0.44 14.06
N SER A 335 9.05 -1.46 13.46
CA SER A 335 9.75 -2.35 12.54
C SER A 335 10.41 -1.58 11.41
N ILE A 336 9.67 -0.65 10.81
CA ILE A 336 10.16 0.11 9.67
C ILE A 336 11.27 1.07 10.10
N ALA A 337 11.12 1.72 11.26
CA ALA A 337 12.20 2.56 11.78
C ALA A 337 13.48 1.74 12.00
N LEU A 338 13.35 0.54 12.55
CA LEU A 338 14.53 -0.31 12.72
C LEU A 338 15.10 -0.78 11.38
N ILE A 339 14.22 -1.20 10.46
CA ILE A 339 14.67 -1.59 9.13
C ILE A 339 15.49 -0.47 8.49
N THR A 340 15.01 0.75 8.61
CA THR A 340 15.72 1.90 8.05
C THR A 340 17.14 1.99 8.58
N VAL A 341 17.33 1.78 9.89
CA VAL A 341 18.67 1.84 10.47
C VAL A 341 19.52 0.67 10.01
N ILE A 342 18.95 -0.54 10.07
CA ILE A 342 19.70 -1.73 9.71
C ILE A 342 20.11 -1.68 8.25
N ASP A 343 19.22 -1.19 7.39
CA ASP A 343 19.51 -1.07 5.96
C ASP A 343 20.65 -0.10 5.72
N ASP A 344 20.64 1.05 6.41
CA ASP A 344 21.79 1.97 6.34
C ASP A 344 23.07 1.29 6.77
N ILE A 345 23.01 0.39 7.74
CA ILE A 345 24.22 -0.29 8.16
C ILE A 345 24.70 -1.22 7.05
N TYR A 346 23.78 -1.92 6.39
CA TYR A 346 24.20 -2.92 5.40
C TYR A 346 24.64 -2.30 4.08
N ASP A 347 24.05 -1.19 3.64
CA ASP A 347 24.49 -0.70 2.33
C ASP A 347 25.19 0.65 2.41
N VAL A 348 25.55 1.12 3.61
CA VAL A 348 26.41 2.30 3.75
C VAL A 348 27.57 2.08 4.74
N TYR A 349 27.27 1.73 5.99
CA TYR A 349 28.27 1.93 7.04
C TYR A 349 29.07 0.69 7.44
N GLY A 350 28.51 -0.52 7.33
CA GLY A 350 29.18 -1.71 7.82
C GLY A 350 30.16 -2.28 6.81
N THR A 351 31.28 -2.80 7.32
CA THR A 351 32.18 -3.61 6.52
C THR A 351 31.56 -4.99 6.32
N LEU A 352 32.01 -5.68 5.26
CA LEU A 352 31.52 -7.02 4.99
C LEU A 352 31.66 -7.93 6.21
N ASP A 353 32.78 -7.83 6.93
CA ASP A 353 32.99 -8.73 8.06
C ASP A 353 32.03 -8.42 9.20
N GLU A 354 31.77 -7.14 9.44
CA GLU A 354 30.75 -6.76 10.43
C GLU A 354 29.37 -7.25 10.00
N LEU A 355 29.03 -7.06 8.72
CA LEU A 355 27.72 -7.48 8.24
C LEU A 355 27.52 -8.99 8.43
N GLU A 356 28.59 -9.76 8.29
CA GLU A 356 28.47 -11.20 8.45
C GLU A 356 28.25 -11.59 9.90
N ILE A 357 28.86 -10.87 10.85
CA ILE A 357 28.59 -11.17 12.26
C ILE A 357 27.15 -10.83 12.61
N PHE A 358 26.67 -9.66 12.15
CA PHE A 358 25.30 -9.25 12.48
C PHE A 358 24.27 -10.21 11.88
N THR A 359 24.51 -10.67 10.64
CA THR A 359 23.65 -11.68 10.05
C THR A 359 23.60 -12.94 10.91
N ASP A 360 24.78 -13.41 11.34
CA ASP A 360 24.83 -14.65 12.12
C ASP A 360 24.17 -14.47 13.49
N ALA A 361 24.39 -13.31 14.13
CA ALA A 361 23.72 -13.03 15.40
C ALA A 361 22.20 -13.05 15.26
N VAL A 362 21.68 -12.51 14.17
CA VAL A 362 20.24 -12.61 13.94
C VAL A 362 19.83 -14.07 13.81
N ALA A 363 20.58 -14.84 13.01
CA ALA A 363 20.22 -16.26 12.79
C ALA A 363 20.27 -17.06 14.08
N ARG A 364 21.26 -16.81 14.93
CA ARG A 364 21.33 -17.53 16.20
C ARG A 364 20.25 -17.05 17.17
N TRP A 365 19.90 -15.77 17.15
CA TRP A 365 18.88 -15.20 18.04
C TRP A 365 19.26 -15.39 19.49
N ASP A 366 20.50 -15.05 19.80
CA ASP A 366 21.14 -15.35 21.06
C ASP A 366 21.77 -14.07 21.56
N ILE A 367 21.17 -13.45 22.58
CA ILE A 367 21.66 -12.15 23.02
C ILE A 367 23.10 -12.25 23.54
N ASN A 368 23.43 -13.36 24.20
CA ASN A 368 24.77 -13.50 24.75
C ASN A 368 25.82 -13.55 23.65
N TYR A 369 25.58 -14.39 22.63
CA TYR A 369 26.49 -14.44 21.50
C TYR A 369 26.62 -13.07 20.86
N ALA A 370 25.50 -12.37 20.66
CA ALA A 370 25.55 -11.08 19.98
C ALA A 370 26.38 -10.07 20.78
N LEU A 371 26.17 -10.01 22.10
CA LEU A 371 26.94 -9.03 22.86
C LEU A 371 28.41 -9.39 22.89
N LYS A 372 28.72 -10.69 22.81
CA LYS A 372 30.12 -11.12 22.82
C LYS A 372 30.84 -10.70 21.54
N HIS A 373 30.19 -10.87 20.38
CA HIS A 373 30.88 -10.82 19.11
C HIS A 373 30.63 -9.58 18.26
N LEU A 374 29.57 -8.78 18.54
CA LEU A 374 29.29 -7.71 17.59
C LEU A 374 30.18 -6.49 17.82
N PRO A 375 30.47 -5.74 16.76
CA PRO A 375 31.08 -4.41 16.95
C PRO A 375 30.22 -3.54 17.84
N GLY A 376 30.85 -2.51 18.42
CA GLY A 376 30.15 -1.69 19.39
C GLY A 376 28.94 -1.00 18.80
N TYR A 377 29.12 -0.34 17.64
CA TYR A 377 28.04 0.43 17.04
C TYR A 377 26.89 -0.45 16.55
N MET A 378 27.01 -1.77 16.64
CA MET A 378 25.96 -2.69 16.27
C MET A 378 25.26 -3.30 17.47
N LYS A 379 25.85 -3.19 18.67
CA LYS A 379 25.27 -3.89 19.80
C LYS A 379 23.90 -3.32 20.16
N MET A 380 23.79 -2.00 20.21
CA MET A 380 22.51 -1.42 20.58
C MET A 380 21.46 -1.67 19.51
N CYS A 381 21.83 -1.55 18.24
CA CYS A 381 20.88 -1.78 17.17
C CYS A 381 20.37 -3.21 17.21
N PHE A 382 21.26 -4.18 17.44
CA PHE A 382 20.82 -5.57 17.57
C PHE A 382 19.93 -5.77 18.79
N LEU A 383 20.36 -5.24 19.96
CA LEU A 383 19.58 -5.50 21.16
C LEU A 383 18.23 -4.80 21.09
N ALA A 384 18.14 -3.64 20.42
CA ALA A 384 16.84 -3.00 20.24
C ALA A 384 15.91 -3.86 19.37
N LEU A 385 16.42 -4.42 18.28
CA LEU A 385 15.63 -5.34 17.47
C LEU A 385 15.17 -6.55 18.30
N TYR A 386 16.13 -7.19 18.97
CA TYR A 386 15.91 -8.40 19.76
C TYR A 386 14.82 -8.22 20.79
N ASN A 387 14.96 -7.21 21.65
CA ASN A 387 13.95 -6.97 22.68
C ASN A 387 12.59 -6.58 22.08
N PHE A 388 12.59 -5.74 21.04
CA PHE A 388 11.34 -5.39 20.36
C PHE A 388 10.62 -6.65 19.85
N VAL A 389 11.35 -7.53 19.16
CA VAL A 389 10.69 -8.70 18.60
C VAL A 389 10.24 -9.65 19.70
N ASN A 390 11.07 -9.83 20.73
CA ASN A 390 10.70 -10.69 21.86
C ASN A 390 9.49 -10.15 22.61
N GLU A 391 9.37 -8.82 22.73
CA GLU A 391 8.16 -8.24 23.33
C GLU A 391 6.96 -8.39 22.41
N PHE A 392 7.18 -8.31 21.09
CA PHE A 392 6.12 -8.57 20.12
C PHE A 392 5.58 -9.98 20.31
N ALA A 393 6.50 -10.96 20.37
CA ALA A 393 6.09 -12.34 20.62
C ALA A 393 5.35 -12.47 21.94
N TYR A 394 5.85 -11.80 22.99
CA TYR A 394 5.19 -11.82 24.29
C TYR A 394 3.77 -11.29 24.21
N TYR A 395 3.58 -10.20 23.48
CA TYR A 395 2.25 -9.58 23.43
C TYR A 395 1.24 -10.53 22.78
N VAL A 396 1.63 -11.21 21.71
CA VAL A 396 0.71 -12.12 21.05
C VAL A 396 0.44 -13.36 21.92
N LEU A 397 1.47 -13.85 22.60
CA LEU A 397 1.28 -14.95 23.55
C LEU A 397 0.27 -14.59 24.62
N LYS A 398 0.42 -13.40 25.22
CA LYS A 398 -0.52 -12.95 26.25
C LYS A 398 -1.93 -12.75 25.68
N GLN A 399 -2.01 -12.14 24.49
CA GLN A 399 -3.32 -11.78 23.93
C GLN A 399 -4.15 -13.01 23.55
N GLN A 400 -3.52 -13.99 22.93
CA GLN A 400 -4.31 -15.05 22.31
C GLN A 400 -3.62 -16.39 22.39
N ASP A 401 -2.56 -16.52 23.19
CA ASP A 401 -1.98 -17.82 23.51
C ASP A 401 -1.39 -18.49 22.28
N PHE A 402 -0.87 -17.69 21.37
CA PHE A 402 -0.22 -18.20 20.18
C PHE A 402 1.26 -17.84 20.24
N ASP A 403 2.11 -18.80 19.93
CA ASP A 403 3.55 -18.61 19.99
C ASP A 403 4.07 -18.44 18.56
N MET A 404 4.41 -17.21 18.17
CA MET A 404 4.86 -16.96 16.81
C MET A 404 6.32 -16.55 16.73
N LEU A 405 7.11 -16.75 17.79
CA LEU A 405 8.48 -16.23 17.79
C LEU A 405 9.30 -16.78 16.63
N LEU A 406 9.25 -18.10 16.40
CA LEU A 406 10.05 -18.69 15.33
C LEU A 406 9.69 -18.07 13.98
N SER A 407 8.41 -17.85 13.74
CA SER A 407 7.95 -17.23 12.50
C SER A 407 8.54 -15.84 12.33
N ILE A 408 8.32 -14.95 13.31
CA ILE A 408 8.72 -13.54 13.16
C ILE A 408 10.23 -13.44 13.03
N LYS A 409 11.00 -14.20 13.82
CA LYS A 409 12.45 -14.09 13.70
C LYS A 409 12.95 -14.70 12.39
N HIS A 410 12.25 -15.72 11.87
CA HIS A 410 12.56 -16.22 10.53
C HIS A 410 12.32 -15.14 9.48
N ALA A 411 11.21 -14.41 9.58
CA ALA A 411 10.96 -13.35 8.60
C ALA A 411 12.06 -12.30 8.65
N TRP A 412 12.47 -11.89 9.87
CA TRP A 412 13.55 -10.91 9.98
C TRP A 412 14.85 -11.45 9.41
N LEU A 413 15.14 -12.73 9.66
CA LEU A 413 16.38 -13.31 9.13
C LEU A 413 16.39 -13.25 7.59
N GLY A 414 15.27 -13.55 6.96
CA GLY A 414 15.23 -13.51 5.51
C GLY A 414 15.60 -12.14 4.96
N LEU A 415 15.05 -11.08 5.56
CA LEU A 415 15.41 -9.74 5.15
C LEU A 415 16.90 -9.51 5.29
N ILE A 416 17.45 -9.89 6.45
CA ILE A 416 18.84 -9.60 6.73
C ILE A 416 19.75 -10.38 5.81
N GLN A 417 19.41 -11.65 5.55
CA GLN A 417 20.15 -12.44 4.57
C GLN A 417 20.10 -11.81 3.18
N ALA A 418 18.93 -11.32 2.77
CA ALA A 418 18.84 -10.68 1.47
C ALA A 418 19.73 -9.43 1.41
N TYR A 419 19.81 -8.70 2.52
CA TYR A 419 20.71 -7.55 2.58
C TYR A 419 22.16 -7.99 2.39
N LEU A 420 22.53 -9.12 3.01
CA LEU A 420 23.91 -9.59 2.92
C LEU A 420 24.25 -9.94 1.48
N VAL A 421 23.34 -10.65 0.80
CA VAL A 421 23.54 -10.99 -0.61
C VAL A 421 23.88 -9.73 -1.42
N GLU A 422 23.10 -8.67 -1.22
CA GLU A 422 23.34 -7.43 -1.97
C GLU A 422 24.68 -6.82 -1.62
N ALA A 423 25.12 -6.93 -0.37
CA ALA A 423 26.40 -6.34 0.00
C ALA A 423 27.56 -7.15 -0.58
N LYS A 424 27.40 -8.47 -0.66
CA LYS A 424 28.40 -9.27 -1.35
C LYS A 424 28.45 -8.92 -2.84
N TRP A 425 27.27 -8.73 -3.46
CA TRP A 425 27.27 -8.30 -4.85
C TRP A 425 28.01 -6.99 -5.02
N TYR A 426 27.79 -6.04 -4.11
CA TYR A 426 28.39 -4.72 -4.29
C TYR A 426 29.90 -4.77 -4.15
N HIS A 427 30.40 -5.54 -3.18
CA HIS A 427 31.85 -5.61 -3.00
C HIS A 427 32.51 -6.38 -4.14
N SER A 428 31.82 -7.36 -4.71
CA SER A 428 32.34 -8.06 -5.87
C SER A 428 32.18 -7.27 -7.16
N LYS A 429 31.60 -6.08 -7.09
CA LYS A 429 31.29 -5.26 -8.27
C LYS A 429 30.55 -6.09 -9.32
N TYR A 430 29.68 -6.99 -8.85
CA TYR A 430 28.90 -7.88 -9.69
C TYR A 430 27.55 -7.25 -10.02
N THR A 431 27.13 -7.37 -11.27
CA THR A 431 25.87 -6.76 -11.73
C THR A 431 24.95 -7.86 -12.21
N PRO A 432 24.03 -8.33 -11.37
CA PRO A 432 23.18 -9.45 -11.78
C PRO A 432 22.21 -9.03 -12.87
N LYS A 433 21.72 -10.03 -13.59
CA LYS A 433 20.59 -9.80 -14.48
C LYS A 433 19.36 -9.43 -13.65
N LEU A 434 18.43 -8.69 -14.27
CA LEU A 434 17.26 -8.22 -13.57
C LEU A 434 16.55 -9.34 -12.82
N GLU A 435 16.41 -10.52 -13.45
CA GLU A 435 15.65 -11.60 -12.83
C GLU A 435 16.32 -12.09 -11.56
N GLU A 436 17.65 -12.26 -11.58
CA GLU A 436 18.34 -12.68 -10.37
C GLU A 436 18.35 -11.58 -9.32
N TYR A 437 18.47 -10.32 -9.77
CA TYR A 437 18.37 -9.20 -8.85
C TYR A 437 17.02 -9.16 -8.14
N LEU A 438 15.93 -9.36 -8.90
CA LEU A 438 14.59 -9.30 -8.33
C LEU A 438 14.29 -10.48 -7.43
N GLU A 439 14.85 -11.66 -7.72
CA GLU A 439 14.62 -12.80 -6.84
C GLU A 439 15.01 -12.43 -5.41
N ASN A 440 16.18 -11.85 -5.25
CA ASN A 440 16.65 -11.41 -3.94
C ASN A 440 15.99 -10.09 -3.54
N GLY A 441 15.82 -9.17 -4.49
CA GLY A 441 15.36 -7.83 -4.18
C GLY A 441 13.93 -7.76 -3.69
N LEU A 442 13.10 -8.74 -4.04
CA LEU A 442 11.74 -8.78 -3.50
C LEU A 442 11.74 -9.14 -2.02
N VAL A 443 12.78 -9.81 -1.54
CA VAL A 443 12.91 -10.02 -0.10
C VAL A 443 13.50 -8.78 0.56
N SER A 444 14.57 -8.22 -0.04
CA SER A 444 15.28 -7.12 0.58
C SER A 444 14.44 -5.84 0.63
N ILE A 445 13.40 -5.72 -0.22
CA ILE A 445 12.52 -4.56 -0.12
C ILE A 445 11.59 -4.64 1.09
N THR A 446 11.54 -5.80 1.77
CA THR A 446 10.87 -6.14 3.05
C THR A 446 9.44 -6.65 2.87
N GLY A 447 8.99 -6.86 1.63
CA GLY A 447 7.64 -7.32 1.37
C GLY A 447 7.23 -8.53 2.22
N PRO A 448 7.99 -9.62 2.12
CA PRO A 448 7.67 -10.81 2.93
C PRO A 448 7.71 -10.55 4.43
N LEU A 449 8.66 -9.76 4.93
CA LEU A 449 8.70 -9.44 6.36
C LEU A 449 7.48 -8.60 6.76
N ILE A 450 7.14 -7.58 5.97
CA ILE A 450 6.07 -6.67 6.33
C ILE A 450 4.71 -7.37 6.35
N ILE A 451 4.45 -8.29 5.42
CA ILE A 451 3.14 -8.96 5.45
C ILE A 451 3.08 -9.94 6.63
N THR A 452 4.21 -10.54 6.99
CA THR A 452 4.27 -11.37 8.19
C THR A 452 3.98 -10.55 9.43
N ILE A 453 4.66 -9.41 9.57
CA ILE A 453 4.41 -8.50 10.70
C ILE A 453 2.94 -8.09 10.72
N SER A 454 2.40 -7.67 9.57
CA SER A 454 1.02 -7.21 9.51
C SER A 454 0.06 -8.31 9.94
N TYR A 455 0.28 -9.53 9.42
CA TYR A 455 -0.59 -10.64 9.78
C TYR A 455 -0.51 -10.94 11.26
N LEU A 456 0.71 -11.05 11.81
CA LEU A 456 0.87 -11.43 13.23
C LEU A 456 0.37 -10.34 14.19
N SER A 457 0.49 -9.07 13.83
CA SER A 457 0.03 -7.98 14.69
C SER A 457 -1.38 -7.49 14.38
N GLY A 458 -1.97 -7.92 13.27
CA GLY A 458 -3.26 -7.40 12.86
C GLY A 458 -4.39 -8.43 12.84
N THR A 459 -4.13 -9.64 13.32
CA THR A 459 -5.09 -10.74 13.22
C THR A 459 -5.29 -11.35 14.59
N ASN A 460 -6.55 -11.43 15.03
CA ASN A 460 -6.91 -12.15 16.24
C ASN A 460 -8.22 -12.87 16.02
N PRO A 461 -8.23 -14.22 15.95
CA PRO A 461 -7.11 -15.13 16.17
C PRO A 461 -6.23 -15.39 14.95
N ILE A 462 -4.93 -15.51 15.21
CA ILE A 462 -3.98 -16.00 14.21
C ILE A 462 -4.35 -17.44 13.83
N ILE A 463 -4.41 -17.71 12.52
CA ILE A 463 -4.72 -19.04 12.00
C ILE A 463 -3.42 -19.71 11.57
N LYS A 464 -3.10 -20.85 12.19
CA LYS A 464 -1.83 -21.52 11.92
C LYS A 464 -1.67 -21.83 10.43
N LYS A 465 -2.73 -22.36 9.82
CA LYS A 465 -2.73 -22.65 8.40
C LYS A 465 -2.44 -21.41 7.57
N GLU A 466 -3.03 -20.28 7.96
CA GLU A 466 -2.83 -19.04 7.22
C GLU A 466 -1.39 -18.54 7.34
N LEU A 467 -0.81 -18.64 8.53
CA LEU A 467 0.58 -18.25 8.70
C LEU A 467 1.52 -19.14 7.89
N GLU A 468 1.26 -20.44 7.88
CA GLU A 468 2.11 -21.38 7.14
C GLU A 468 2.08 -21.11 5.65
N PHE A 469 0.92 -20.71 5.12
CA PHE A 469 0.85 -20.32 3.72
C PHE A 469 1.78 -19.14 3.43
N LEU A 470 1.73 -18.08 4.25
CA LEU A 470 2.68 -16.97 4.12
C LEU A 470 4.13 -17.46 4.17
N GLU A 471 4.44 -18.39 5.07
CA GLU A 471 5.81 -18.88 5.19
C GLU A 471 6.24 -19.77 4.04
N SER A 472 5.29 -20.29 3.24
CA SER A 472 5.63 -21.10 2.07
C SER A 472 6.06 -20.26 0.88
N ASN A 473 6.11 -18.93 1.03
CA ASN A 473 6.43 -18.01 -0.05
C ASN A 473 5.41 -18.16 -1.18
N PRO A 474 4.19 -17.72 -0.96
CA PRO A 474 3.15 -17.85 -1.98
C PRO A 474 3.33 -16.84 -3.11
N ASP A 475 2.61 -17.11 -4.21
CA ASP A 475 2.75 -16.32 -5.42
C ASP A 475 2.36 -14.87 -5.19
N ILE A 476 1.28 -14.62 -4.45
CA ILE A 476 0.83 -13.24 -4.27
C ILE A 476 1.90 -12.41 -3.55
N VAL A 477 2.60 -13.01 -2.58
CA VAL A 477 3.69 -12.31 -1.88
C VAL A 477 4.87 -12.13 -2.82
N HIS A 478 5.13 -13.13 -3.66
CA HIS A 478 6.23 -13.05 -4.60
C HIS A 478 6.07 -11.90 -5.58
N TRP A 479 4.90 -11.78 -6.21
CA TRP A 479 4.72 -10.77 -7.24
C TRP A 479 4.44 -9.38 -6.65
N SER A 480 3.68 -9.31 -5.55
CA SER A 480 3.52 -8.04 -4.84
C SER A 480 4.87 -7.47 -4.42
N SER A 481 5.77 -8.29 -3.87
CA SER A 481 7.06 -7.78 -3.40
C SER A 481 7.97 -7.39 -4.57
N LYS A 482 7.85 -8.07 -5.72
CA LYS A 482 8.59 -7.67 -6.91
C LYS A 482 8.18 -6.27 -7.37
N ILE A 483 6.87 -6.03 -7.44
CA ILE A 483 6.36 -4.69 -7.78
C ILE A 483 6.95 -3.64 -6.84
N PHE A 484 6.78 -3.86 -5.53
CA PHE A 484 7.35 -3.01 -4.49
C PHE A 484 8.81 -2.69 -4.79
N ARG A 485 9.60 -3.73 -5.03
CA ARG A 485 11.03 -3.54 -5.30
C ARG A 485 11.26 -2.71 -6.56
N LEU A 486 10.54 -3.01 -7.64
CA LEU A 486 10.67 -2.21 -8.86
C LEU A 486 10.30 -0.76 -8.60
N GLN A 487 9.20 -0.57 -7.88
CA GLN A 487 8.71 0.77 -7.63
C GLN A 487 9.69 1.57 -6.78
N ASP A 488 10.28 0.92 -5.78
CA ASP A 488 11.29 1.60 -4.99
C ASP A 488 12.49 1.96 -5.85
N ASP A 489 12.94 1.03 -6.69
CA ASP A 489 14.13 1.30 -7.50
C ASP A 489 13.89 2.42 -8.51
N LEU A 490 12.63 2.64 -8.91
CA LEU A 490 12.35 3.78 -9.77
C LEU A 490 12.56 5.11 -9.05
N GLY A 491 12.53 5.12 -7.72
CA GLY A 491 12.84 6.32 -6.95
C GLY A 491 14.32 6.73 -6.97
N THR A 492 15.20 5.85 -7.45
CA THR A 492 16.58 6.23 -7.68
C THR A 492 16.66 7.30 -8.76
N SER A 493 17.49 8.31 -8.52
CA SER A 493 17.56 9.46 -9.42
C SER A 493 18.64 9.25 -10.49
N SER A 494 18.67 10.18 -11.45
CA SER A 494 19.52 10.03 -12.63
C SER A 494 20.99 10.23 -12.30
N ASP A 495 21.30 11.20 -11.41
CA ASP A 495 22.69 11.42 -11.00
C ASP A 495 23.22 10.25 -10.17
N GLU A 496 22.33 9.52 -9.50
CA GLU A 496 22.71 8.32 -8.75
C GLU A 496 22.93 7.10 -9.64
N ILE A 497 22.44 7.12 -10.89
CA ILE A 497 22.72 6.04 -11.84
C ILE A 497 24.14 6.19 -12.43
N GLN A 498 24.69 7.40 -12.46
CA GLN A 498 25.94 7.68 -13.17
C GLN A 498 27.17 7.29 -12.36
N ARG A 499 27.25 7.69 -11.08
CA ARG A 499 28.33 7.19 -10.24
C ARG A 499 28.30 5.66 -10.18
N GLY A 500 27.10 5.08 -10.15
CA GLY A 500 26.89 3.69 -10.52
C GLY A 500 27.58 2.67 -9.65
N ASP A 501 27.56 2.86 -8.33
CA ASP A 501 28.25 1.94 -7.43
C ASP A 501 27.44 0.65 -7.24
N VAL A 502 26.26 0.76 -6.63
CA VAL A 502 25.44 -0.41 -6.28
C VAL A 502 24.27 -0.49 -7.26
N PRO A 503 24.01 -1.66 -7.90
CA PRO A 503 23.09 -1.71 -9.03
C PRO A 503 21.71 -2.23 -8.67
N LYS A 504 20.71 -1.42 -8.98
CA LYS A 504 19.30 -1.68 -8.72
C LYS A 504 18.61 -2.06 -10.04
N SER A 505 17.28 -2.01 -10.04
CA SER A 505 16.50 -2.49 -11.19
C SER A 505 16.89 -1.78 -12.49
N ILE A 506 16.95 -0.45 -12.47
CA ILE A 506 17.18 0.30 -13.70
C ILE A 506 18.56 -0.04 -14.30
N GLN A 507 19.61 -0.01 -13.47
CA GLN A 507 20.94 -0.30 -13.98
C GLN A 507 21.06 -1.73 -14.48
N CYS A 508 20.49 -2.68 -13.74
CA CYS A 508 20.51 -4.07 -14.19
C CYS A 508 19.83 -4.21 -15.54
N TYR A 509 18.69 -3.54 -15.72
CA TYR A 509 17.97 -3.63 -16.98
C TYR A 509 18.73 -2.94 -18.10
N MET A 510 19.34 -1.79 -17.82
CA MET A 510 20.14 -1.11 -18.84
C MET A 510 21.31 -1.99 -19.30
N HIS A 511 22.05 -2.53 -18.34
CA HIS A 511 23.21 -3.38 -18.63
C HIS A 511 22.80 -4.59 -19.47
N GLU A 512 21.63 -5.14 -19.21
CA GLU A 512 21.18 -6.38 -19.82
C GLU A 512 20.49 -6.19 -21.16
N THR A 513 19.95 -5.00 -21.45
CA THR A 513 19.27 -4.75 -22.72
C THR A 513 19.91 -3.66 -23.56
N GLY A 514 20.81 -2.86 -23.02
CA GLY A 514 21.31 -1.70 -23.71
C GLY A 514 20.35 -0.53 -23.80
N ALA A 515 19.15 -0.63 -23.23
CA ALA A 515 18.24 0.52 -23.22
C ALA A 515 18.84 1.73 -22.49
N SER A 516 18.42 2.92 -22.89
CA SER A 516 18.76 4.10 -22.13
C SER A 516 18.05 4.08 -20.78
N GLU A 517 18.49 4.97 -19.87
CA GLU A 517 17.84 5.07 -18.57
C GLU A 517 16.36 5.41 -18.74
N GLU A 518 16.06 6.37 -19.62
CA GLU A 518 14.70 6.81 -19.83
C GLU A 518 13.82 5.66 -20.34
N VAL A 519 14.36 4.83 -21.24
CA VAL A 519 13.55 3.71 -21.76
C VAL A 519 13.43 2.63 -20.69
N ALA A 520 14.52 2.34 -19.97
CA ALA A 520 14.47 1.37 -18.88
C ALA A 520 13.40 1.73 -17.84
N ARG A 521 13.31 3.01 -17.44
CA ARG A 521 12.24 3.44 -16.53
C ARG A 521 10.87 3.09 -17.07
N GLU A 522 10.62 3.39 -18.36
CA GLU A 522 9.32 3.09 -18.95
C GLU A 522 9.06 1.60 -19.01
N HIS A 523 10.06 0.82 -19.36
CA HIS A 523 9.86 -0.63 -19.37
C HIS A 523 9.58 -1.16 -17.97
N ILE A 524 10.28 -0.63 -16.96
CA ILE A 524 10.02 -1.09 -15.60
C ILE A 524 8.61 -0.69 -15.15
N LYS A 525 8.16 0.51 -15.53
CA LYS A 525 6.79 0.89 -15.19
C LYS A 525 5.78 -0.06 -15.84
N ASP A 526 6.03 -0.46 -17.09
CA ASP A 526 5.13 -1.44 -17.71
C ASP A 526 5.20 -2.80 -17.01
N MET A 527 6.39 -3.25 -16.61
CA MET A 527 6.50 -4.51 -15.86
C MET A 527 5.59 -4.53 -14.65
N MET A 528 5.51 -3.41 -13.92
CA MET A 528 4.70 -3.34 -12.71
C MET A 528 3.22 -3.55 -13.06
N ARG A 529 2.74 -2.84 -14.08
CA ARG A 529 1.35 -3.00 -14.51
C ARG A 529 1.05 -4.44 -14.91
N GLN A 530 2.00 -5.11 -15.60
CA GLN A 530 1.79 -6.51 -15.97
C GLN A 530 1.80 -7.42 -14.74
N MET A 531 2.69 -7.13 -13.78
CA MET A 531 2.73 -7.95 -12.57
C MET A 531 1.47 -7.79 -11.72
N TRP A 532 0.89 -6.58 -11.70
CA TRP A 532 -0.38 -6.38 -11.02
C TRP A 532 -1.48 -7.30 -11.55
N LYS A 533 -1.40 -7.65 -12.85
CA LYS A 533 -2.38 -8.57 -13.41
C LYS A 533 -2.31 -9.93 -12.72
N LYS A 534 -1.11 -10.43 -12.45
CA LYS A 534 -0.98 -11.67 -11.71
C LYS A 534 -1.53 -11.53 -10.30
N VAL A 535 -1.22 -10.42 -9.62
CA VAL A 535 -1.74 -10.18 -8.27
C VAL A 535 -3.26 -10.16 -8.29
N ASN A 536 -3.86 -9.59 -9.34
CA ASN A 536 -5.32 -9.58 -9.43
C ASN A 536 -5.88 -10.99 -9.47
N ALA A 537 -5.16 -11.94 -10.07
CA ALA A 537 -5.63 -13.32 -10.09
C ALA A 537 -5.55 -13.96 -8.71
N TYR A 538 -4.41 -13.81 -8.02
CA TYR A 538 -4.30 -14.40 -6.68
C TYR A 538 -5.29 -13.78 -5.70
N THR A 539 -5.59 -12.48 -5.85
CA THR A 539 -6.55 -11.82 -4.98
C THR A 539 -7.95 -12.39 -5.16
N ALA A 540 -8.31 -12.82 -6.37
CA ALA A 540 -9.64 -13.35 -6.63
C ALA A 540 -9.77 -14.84 -6.31
N ASP A 541 -8.66 -15.51 -5.99
CA ASP A 541 -8.68 -16.94 -5.73
C ASP A 541 -9.31 -17.21 -4.37
N LYS A 542 -10.57 -17.66 -4.38
CA LYS A 542 -11.27 -17.96 -3.12
C LYS A 542 -10.72 -19.20 -2.42
N ASP A 543 -9.80 -19.93 -3.03
CA ASP A 543 -9.26 -21.14 -2.45
C ASP A 543 -7.91 -20.95 -1.78
N SER A 544 -7.43 -19.67 -1.65
CA SER A 544 -6.16 -19.71 -0.93
C SER A 544 -6.41 -19.58 0.58
N PRO A 545 -5.46 -20.06 1.39
CA PRO A 545 -5.58 -19.86 2.84
C PRO A 545 -5.60 -18.40 3.28
N LEU A 546 -5.10 -17.46 2.48
CA LEU A 546 -5.11 -16.04 2.87
C LEU A 546 -6.52 -15.48 2.78
N THR A 547 -7.01 -14.92 3.88
CA THR A 547 -8.28 -14.23 3.78
C THR A 547 -8.13 -12.97 2.95
N ARG A 548 -9.26 -12.39 2.57
CA ARG A 548 -9.21 -11.16 1.80
C ARG A 548 -8.71 -10.01 2.65
N THR A 549 -8.97 -10.08 3.96
CA THR A 549 -8.44 -9.10 4.92
C THR A 549 -6.92 -9.11 4.95
N THR A 550 -6.32 -10.30 4.94
CA THR A 550 -4.87 -10.41 5.00
C THR A 550 -4.24 -9.94 3.70
N ALA A 551 -4.83 -10.32 2.57
CA ALA A 551 -4.33 -9.89 1.27
C ALA A 551 -4.31 -8.36 1.15
N GLU A 552 -5.30 -7.68 1.74
CA GLU A 552 -5.35 -6.23 1.67
C GLU A 552 -4.12 -5.58 2.33
N PHE A 553 -3.65 -6.10 3.47
CA PHE A 553 -2.40 -5.59 4.04
C PHE A 553 -1.31 -5.57 2.98
N LEU A 554 -1.18 -6.68 2.24
CA LEU A 554 -0.13 -6.83 1.23
C LEU A 554 -0.33 -5.84 0.09
N LEU A 555 -1.53 -5.79 -0.48
CA LEU A 555 -1.77 -4.84 -1.56
C LEU A 555 -1.54 -3.42 -1.10
N ASN A 556 -1.96 -3.10 0.13
CA ASN A 556 -1.80 -1.74 0.64
C ASN A 556 -0.33 -1.37 0.79
N LEU A 557 0.52 -2.34 1.16
CA LEU A 557 1.96 -2.11 1.13
C LEU A 557 2.42 -1.68 -0.26
N VAL A 558 2.01 -2.43 -1.30
CA VAL A 558 2.41 -2.08 -2.66
C VAL A 558 1.87 -0.72 -3.05
N ARG A 559 0.59 -0.48 -2.76
CA ARG A 559 -0.01 0.81 -3.07
C ARG A 559 0.75 1.94 -2.37
N MET A 560 1.19 1.71 -1.14
CA MET A 560 1.93 2.76 -0.45
C MET A 560 3.23 3.08 -1.19
N SER A 561 3.89 2.06 -1.78
CA SER A 561 5.09 2.35 -2.55
C SER A 561 4.77 3.16 -3.79
N HIS A 562 3.62 2.90 -4.45
CA HIS A 562 3.21 3.72 -5.59
C HIS A 562 2.94 5.15 -5.17
N PHE A 563 2.29 5.31 -4.02
CA PHE A 563 1.95 6.65 -3.55
C PHE A 563 3.21 7.42 -3.16
N MET A 564 4.15 6.76 -2.46
CA MET A 564 5.34 7.43 -1.96
C MET A 564 6.34 7.76 -3.07
N TYR A 565 6.33 7.02 -4.19
CA TYR A 565 7.12 7.42 -5.36
C TYR A 565 6.69 8.79 -5.87
N LEU A 566 5.39 9.09 -5.84
CA LEU A 566 4.93 10.42 -6.25
C LEU A 566 5.28 11.51 -5.23
N HIS A 567 5.19 11.20 -3.94
CA HIS A 567 5.28 12.19 -2.86
C HIS A 567 6.39 11.84 -1.86
N GLY A 568 7.57 11.45 -2.33
CA GLY A 568 8.61 10.99 -1.40
C GLY A 568 10.02 11.38 -1.74
N ASP A 580 4.01 19.19 1.71
CA ASP A 580 4.37 17.94 2.35
C ASP A 580 3.12 17.11 2.69
N VAL A 581 2.96 15.99 2.01
CA VAL A 581 1.66 15.33 2.04
C VAL A 581 1.51 14.53 3.33
N GLY A 582 2.61 14.03 3.90
CA GLY A 582 2.50 13.38 5.19
C GLY A 582 2.03 14.31 6.28
N PHE A 583 2.58 15.52 6.30
CA PHE A 583 2.06 16.52 7.22
C PHE A 583 0.57 16.75 6.97
N THR A 584 0.16 16.81 5.70
CA THR A 584 -1.23 17.03 5.35
C THR A 584 -2.11 15.84 5.74
N LEU A 585 -1.59 14.63 5.62
CA LEU A 585 -2.38 13.46 5.98
C LEU A 585 -2.60 13.38 7.49
N LEU A 586 -1.57 13.64 8.28
CA LEU A 586 -1.59 13.37 9.71
C LEU A 586 -1.97 14.57 10.56
N PHE A 587 -1.56 15.78 10.18
CA PHE A 587 -1.52 16.86 11.15
C PHE A 587 -2.40 18.07 10.84
N GLN A 588 -3.00 18.18 9.68
CA GLN A 588 -3.82 19.36 9.47
C GLN A 588 -5.25 18.98 9.12
N PRO A 589 -6.21 19.33 9.98
CA PRO A 589 -7.58 18.84 9.80
C PRO A 589 -8.25 19.54 8.63
N ILE A 590 -9.43 19.05 8.29
CA ILE A 590 -10.26 19.70 7.29
C ILE A 590 -11.18 20.67 8.03
N PRO A 591 -11.24 21.93 7.60
CA PRO A 591 -11.94 22.97 8.38
C PRO A 591 -13.42 22.70 8.60
N LEU A 592 -13.94 23.34 9.63
CA LEU A 592 -15.32 23.21 10.12
C LEU A 592 -15.57 21.77 10.56
#